data_9DM7
#
_entry.id   9DM7
#
_cell.length_a   1.00
_cell.length_b   1.00
_cell.length_c   1.00
_cell.angle_alpha   90.00
_cell.angle_beta   90.00
_cell.angle_gamma   90.00
#
_symmetry.space_group_name_H-M   'P 1'
#
loop_
_entity.id
_entity.type
_entity.pdbx_description
1 polymer Mannosyltransferase
2 polymer 'Fab_E6 heavy chain'
3 polymer 'Fab_E6 light chain'
#
loop_
_entity_poly.entity_id
_entity_poly.type
_entity_poly.pdbx_seq_one_letter_code
_entity_poly.pdbx_strand_id
1 'polypeptide(L)'
;MATEKTEPTRANVEPPMPTRGASAWRRVRAWGPWLLGLSVAVRLAWAYLTPHGADLVDLHVYVSGPATLGHGNLYEFTYP
DKTPDFPLPFTYPPFAAVVFWPLHLIPFTLLGLCWILGTIAALYAVVRLSQRLLGFDDARAAAVWTAVTMWTEPVRSTLD
YGQINVLLMLLILLAVASSRWWISGTLIGLAGGVKLTPLVSGLYFLGARRWTTAIWAGVVFLLTVVVGIAVVGEQGRYYF
TDLLGKPDRIGPIATVFNQSWRGGISRILGHDAGSGVLVLFAYAVTAILAFLAWRAVNDRLGQICVVEMFGLLISPISWT
HHWVWMVPFMVWLLHGPWRDKVGAKVFGCGWLVLLLIGVPWLLSFAQPDIWRIDRPWPLAWAGLVDIVAAIATLTWMAVV
GRRSGHLGRLPWRHV
;
A
2 'polypeptide(L)'
;EVQLVESGGGLVQPGGSLRLSCAASGFNFYYYSIHWVRQAPGKGLEWVASISSSSGSTSYADSVKGRFTISADTSKNTAY
LQMNSREDTAVYYCARSQAVYYWDLWWSMYHTGFIDYWGQGTLVTV
;
H
3 'polypeptide(L)'
;DIQMTQSPSSLSASVGDRVTITCRASQSVSSAVAWYQQKPGKAPKLLIYSASSLYSGVPSRFSGSRSGTDFTLTISSLQP
EDFATYYCQQSSSSLITFGQGTKVEIK
;
L
#
# COMPACT_ATOMS: atom_id res chain seq x y z
N GLY A 21 -18.23 -8.17 -20.22
CA GLY A 21 -17.83 -8.11 -18.82
C GLY A 21 -16.49 -7.43 -18.62
N ALA A 22 -15.43 -8.22 -18.48
CA ALA A 22 -14.09 -7.68 -18.29
C ALA A 22 -13.55 -6.99 -19.54
N SER A 23 -14.18 -7.20 -20.70
CA SER A 23 -13.73 -6.52 -21.92
C SER A 23 -13.91 -5.01 -21.80
N ALA A 24 -15.01 -4.58 -21.18
CA ALA A 24 -15.26 -3.15 -21.02
C ALA A 24 -14.20 -2.50 -20.14
N TRP A 25 -13.83 -3.16 -19.04
CA TRP A 25 -12.85 -2.58 -18.13
C TRP A 25 -11.45 -2.53 -18.76
N ARG A 26 -11.11 -3.52 -19.58
CA ARG A 26 -9.77 -3.60 -20.15
C ARG A 26 -9.47 -2.41 -21.05
N ARG A 27 -10.41 -2.03 -21.92
CA ARG A 27 -10.10 -1.03 -22.93
C ARG A 27 -10.16 0.39 -22.38
N VAL A 28 -10.83 0.60 -21.24
CA VAL A 28 -10.97 1.95 -20.70
C VAL A 28 -9.61 2.51 -20.29
N ARG A 29 -8.80 1.70 -19.60
CA ARG A 29 -7.53 2.19 -19.09
C ARG A 29 -6.41 2.12 -20.12
N ALA A 30 -6.69 1.66 -21.35
CA ALA A 30 -5.66 1.64 -22.38
C ALA A 30 -5.26 3.03 -22.84
N TRP A 31 -6.02 4.07 -22.45
CA TRP A 31 -5.73 5.45 -22.81
C TRP A 31 -5.84 6.35 -21.58
N GLY A 32 -5.24 5.92 -20.48
CA GLY A 32 -5.26 6.67 -19.25
C GLY A 32 -4.66 8.06 -19.30
N PRO A 33 -3.46 8.20 -19.89
CA PRO A 33 -2.83 9.53 -19.94
C PRO A 33 -3.68 10.61 -20.60
N TRP A 34 -4.51 10.33 -21.56
CA TRP A 34 -5.15 11.54 -22.13
C TRP A 34 -6.43 11.92 -21.37
N LEU A 35 -7.06 11.00 -20.63
CA LEU A 35 -8.19 11.40 -19.76
C LEU A 35 -7.61 12.15 -18.54
N LEU A 36 -6.45 11.76 -18.00
CA LEU A 36 -5.85 12.62 -17.00
C LEU A 36 -5.49 13.97 -17.58
N GLY A 37 -4.93 13.99 -18.79
CA GLY A 37 -4.57 15.22 -19.45
C GLY A 37 -5.72 16.02 -19.98
N LEU A 38 -6.94 15.48 -19.91
CA LEU A 38 -8.14 16.20 -20.33
C LEU A 38 -8.80 16.92 -19.16
N SER A 39 -8.81 16.29 -17.98
CA SER A 39 -9.44 16.92 -16.82
C SER A 39 -8.58 18.04 -16.25
N VAL A 40 -7.25 17.94 -16.39
CA VAL A 40 -6.37 18.98 -15.85
C VAL A 40 -6.55 20.29 -16.60
N ALA A 41 -6.79 20.21 -17.91
CA ALA A 41 -7.06 21.43 -18.68
C ALA A 41 -8.34 22.10 -18.22
N VAL A 42 -9.36 21.31 -17.89
CA VAL A 42 -10.59 21.87 -17.34
C VAL A 42 -10.35 22.45 -15.96
N ARG A 43 -9.50 21.79 -15.16
CA ARG A 43 -9.24 22.27 -13.80
C ARG A 43 -8.44 23.57 -13.81
N LEU A 44 -7.48 23.70 -14.72
CA LEU A 44 -6.70 24.93 -14.78
C LEU A 44 -7.44 26.04 -15.53
N ALA A 45 -8.59 25.73 -16.12
CA ALA A 45 -9.39 26.77 -16.76
C ALA A 45 -10.45 27.31 -15.81
N TRP A 46 -11.00 26.46 -14.95
CA TRP A 46 -12.05 26.89 -14.03
C TRP A 46 -11.53 27.95 -13.06
N ALA A 47 -10.32 27.76 -12.54
CA ALA A 47 -9.76 28.71 -11.59
C ALA A 47 -9.46 30.05 -12.24
N TYR A 48 -8.96 30.04 -13.48
CA TYR A 48 -8.48 31.24 -14.14
C TYR A 48 -9.46 31.83 -15.13
N LEU A 49 -10.72 31.35 -15.16
CA LEU A 49 -11.70 31.92 -16.06
C LEU A 49 -13.07 32.08 -15.41
N THR A 50 -13.15 32.15 -14.09
CA THR A 50 -14.40 32.35 -13.37
C THR A 50 -14.20 33.41 -12.29
N PRO A 51 -15.25 34.13 -11.93
CA PRO A 51 -15.14 35.07 -10.81
C PRO A 51 -14.90 34.31 -9.51
N HIS A 52 -13.97 34.83 -8.70
CA HIS A 52 -13.55 34.20 -7.44
C HIS A 52 -13.11 32.75 -7.65
N GLY A 53 -12.40 32.49 -8.74
CA GLY A 53 -11.98 31.13 -9.06
C GLY A 53 -10.57 30.79 -8.63
N ALA A 54 -9.74 31.80 -8.42
CA ALA A 54 -8.34 31.61 -8.06
C ALA A 54 -7.93 32.56 -6.95
N ASP A 55 -8.79 32.72 -5.93
CA ASP A 55 -8.45 33.60 -4.82
C ASP A 55 -7.34 33.02 -3.97
N LEU A 56 -7.45 31.74 -3.62
CA LEU A 56 -6.46 31.02 -2.82
C LEU A 56 -6.18 31.76 -1.50
N VAL A 57 -7.21 31.85 -0.67
CA VAL A 57 -7.10 32.57 0.59
C VAL A 57 -6.12 31.87 1.53
N ASP A 58 -6.09 30.52 1.53
CA ASP A 58 -5.20 29.84 2.46
C ASP A 58 -3.74 29.99 2.03
N LEU A 59 -3.50 29.96 0.74
CA LEU A 59 -2.14 30.22 0.29
C LEU A 59 -1.72 31.65 0.61
N HIS A 60 -2.67 32.59 0.55
CA HIS A 60 -2.37 33.97 0.92
C HIS A 60 -2.01 34.07 2.40
N VAL A 61 -2.73 33.35 3.26
CA VAL A 61 -2.39 33.33 4.67
C VAL A 61 -1.04 32.65 4.89
N TYR A 62 -0.75 31.59 4.14
CA TYR A 62 0.53 30.90 4.26
C TYR A 62 1.69 31.81 3.88
N VAL A 63 1.52 32.61 2.83
CA VAL A 63 2.65 33.39 2.31
C VAL A 63 2.80 34.71 3.05
N SER A 64 1.71 35.46 3.19
CA SER A 64 1.78 36.79 3.78
C SER A 64 1.90 36.76 5.30
N GLY A 65 2.11 35.59 5.90
CA GLY A 65 2.30 35.48 7.33
C GLY A 65 3.74 35.68 7.75
N PRO A 66 4.65 34.85 7.23
CA PRO A 66 6.08 35.03 7.55
C PRO A 66 6.68 36.33 7.05
N ALA A 67 5.93 37.14 6.30
CA ALA A 67 6.45 38.43 5.87
C ALA A 67 6.68 39.38 7.04
N THR A 68 5.94 39.21 8.13
CA THR A 68 6.09 40.05 9.32
C THR A 68 7.10 39.46 10.29
N LEU A 69 8.33 39.29 9.80
CA LEU A 69 9.43 38.78 10.61
C LEU A 69 10.49 39.87 10.74
N GLY A 70 10.98 40.08 11.97
CA GLY A 70 11.86 41.17 12.26
C GLY A 70 11.17 42.47 12.60
N HIS A 71 9.85 42.51 12.49
CA HIS A 71 9.07 43.70 12.83
C HIS A 71 7.63 43.28 13.04
N GLY A 72 7.05 43.69 14.16
CA GLY A 72 5.70 43.28 14.50
C GLY A 72 5.64 41.84 14.96
N ASN A 73 4.42 41.32 15.02
CA ASN A 73 4.16 39.95 15.44
C ASN A 73 3.45 39.21 14.33
N LEU A 74 3.77 37.91 14.18
CA LEU A 74 3.11 37.10 13.17
C LEU A 74 1.69 36.73 13.59
N TYR A 75 1.40 36.77 14.89
CA TYR A 75 0.09 36.40 15.39
C TYR A 75 -0.85 37.59 15.55
N GLU A 76 -0.33 38.81 15.43
CA GLU A 76 -1.17 40.00 15.32
C GLU A 76 -1.41 40.34 13.85
N PHE A 77 -1.88 39.32 13.12
CA PHE A 77 -2.02 39.39 11.67
C PHE A 77 -3.46 39.11 11.27
N THR A 78 -3.96 39.86 10.31
CA THR A 78 -5.30 39.68 9.77
C THR A 78 -5.24 39.74 8.25
N TYR A 79 -6.09 38.96 7.60
CA TYR A 79 -6.17 38.96 6.14
C TYR A 79 -7.64 38.94 5.72
N PRO A 80 -8.14 39.99 5.06
CA PRO A 80 -9.54 40.07 4.61
C PRO A 80 -9.87 39.01 3.54
N PRO A 89 -7.02 34.66 10.50
CA PRO A 89 -5.74 34.83 11.20
C PRO A 89 -4.85 33.60 11.07
N PHE A 90 -3.55 33.84 11.24
CA PHE A 90 -2.56 32.77 11.18
C PHE A 90 -2.50 32.07 12.52
N THR A 91 -2.80 30.77 12.54
CA THR A 91 -2.88 29.99 13.77
C THR A 91 -2.13 28.67 13.61
N TYR A 92 -0.98 28.73 12.95
CA TYR A 92 -0.13 27.58 12.71
C TYR A 92 1.15 27.71 13.54
N PRO A 93 1.82 26.59 13.85
CA PRO A 93 3.01 26.67 14.67
C PRO A 93 4.10 27.45 13.98
N PRO A 94 5.02 28.05 14.75
CA PRO A 94 6.09 28.86 14.13
C PRO A 94 6.99 28.07 13.19
N PHE A 95 7.05 26.75 13.33
CA PHE A 95 7.82 25.94 12.39
C PHE A 95 7.28 26.09 10.98
N ALA A 96 5.96 26.17 10.84
CA ALA A 96 5.37 26.42 9.53
C ALA A 96 5.80 27.78 8.97
N ALA A 97 5.86 28.80 9.84
CA ALA A 97 6.33 30.11 9.39
C ALA A 97 7.77 30.05 8.92
N VAL A 98 8.63 29.32 9.65
CA VAL A 98 10.01 29.15 9.22
C VAL A 98 10.07 28.45 7.88
N VAL A 99 9.25 27.41 7.69
CA VAL A 99 9.25 26.66 6.43
C VAL A 99 8.81 27.55 5.27
N PHE A 100 7.78 28.35 5.47
CA PHE A 100 7.21 29.16 4.39
C PHE A 100 7.88 30.51 4.23
N TRP A 101 8.84 30.87 5.08
CA TRP A 101 9.56 32.12 4.89
C TRP A 101 10.21 32.26 3.52
N PRO A 102 10.90 31.22 2.95
CA PRO A 102 11.47 31.34 1.59
C PRO A 102 10.43 31.16 0.49
N LEU A 103 9.28 31.81 0.64
CA LEU A 103 8.21 31.77 -0.36
C LEU A 103 7.67 33.14 -0.74
N HIS A 104 7.93 34.19 0.04
CA HIS A 104 7.46 35.51 -0.30
C HIS A 104 8.32 36.18 -1.37
N LEU A 105 9.52 35.66 -1.63
CA LEU A 105 10.37 36.21 -2.67
C LEU A 105 9.74 36.02 -4.04
N ILE A 106 9.18 34.85 -4.30
CA ILE A 106 8.61 34.54 -5.62
C ILE A 106 7.32 35.31 -5.81
N PRO A 107 7.03 35.83 -7.00
CA PRO A 107 5.73 36.44 -7.25
C PRO A 107 4.60 35.44 -7.03
N PHE A 108 3.48 35.94 -6.52
CA PHE A 108 2.40 35.06 -6.07
C PHE A 108 1.78 34.27 -7.22
N THR A 109 1.74 34.85 -8.42
CA THR A 109 1.11 34.16 -9.54
C THR A 109 1.86 32.89 -9.91
N LEU A 110 3.18 32.94 -9.91
CA LEU A 110 3.97 31.75 -10.25
C LEU A 110 3.79 30.66 -9.21
N LEU A 111 3.78 31.03 -7.93
CA LEU A 111 3.57 30.05 -6.88
C LEU A 111 2.18 29.43 -6.96
N GLY A 112 1.17 30.25 -7.25
CA GLY A 112 -0.17 29.71 -7.44
C GLY A 112 -0.25 28.78 -8.64
N LEU A 113 0.52 29.09 -9.68
CA LEU A 113 0.60 28.20 -10.84
C LEU A 113 1.21 26.86 -10.46
N CYS A 114 2.28 26.88 -9.67
CA CYS A 114 2.99 25.66 -9.34
C CYS A 114 2.25 24.81 -8.30
N TRP A 115 1.48 25.45 -7.42
CA TRP A 115 0.85 24.73 -6.31
C TRP A 115 -0.13 23.66 -6.82
N ILE A 116 -0.96 24.01 -7.80
CA ILE A 116 -1.96 23.07 -8.29
C ILE A 116 -1.30 21.90 -8.99
N LEU A 117 -0.28 22.17 -9.81
CA LEU A 117 0.45 21.09 -10.46
C LEU A 117 1.07 20.16 -9.43
N GLY A 118 1.65 20.74 -8.37
CA GLY A 118 2.16 19.90 -7.29
C GLY A 118 1.07 19.07 -6.64
N THR A 119 -0.14 19.62 -6.52
CA THR A 119 -1.23 18.90 -5.89
C THR A 119 -1.64 17.67 -6.69
N ILE A 120 -1.86 17.84 -8.00
CA ILE A 120 -2.22 16.67 -8.81
C ILE A 120 -1.05 15.69 -8.91
N ALA A 121 0.19 16.19 -8.95
CA ALA A 121 1.34 15.28 -8.95
C ALA A 121 1.37 14.45 -7.67
N ALA A 122 1.10 15.07 -6.53
CA ALA A 122 1.05 14.34 -5.26
C ALA A 122 -0.07 13.32 -5.25
N LEU A 123 -1.24 13.67 -5.81
CA LEU A 123 -2.33 12.71 -5.86
C LEU A 123 -1.97 11.50 -6.72
N TYR A 124 -1.33 11.74 -7.86
CA TYR A 124 -0.89 10.64 -8.72
C TYR A 124 0.12 9.76 -8.00
N ALA A 125 1.06 10.38 -7.29
CA ALA A 125 2.05 9.61 -6.54
C ALA A 125 1.38 8.80 -5.43
N VAL A 126 0.35 9.36 -4.79
CA VAL A 126 -0.37 8.64 -3.75
C VAL A 126 -1.05 7.40 -4.33
N VAL A 127 -1.68 7.55 -5.50
CA VAL A 127 -2.34 6.39 -6.13
C VAL A 127 -1.31 5.34 -6.51
N ARG A 128 -0.15 5.77 -7.01
CA ARG A 128 0.92 4.83 -7.35
C ARG A 128 1.41 4.10 -6.10
N LEU A 129 1.58 4.82 -4.99
CA LEU A 129 1.99 4.19 -3.74
C LEU A 129 0.97 3.15 -3.29
N SER A 130 -0.32 3.47 -3.38
CA SER A 130 -1.35 2.52 -3.00
C SER A 130 -1.28 1.27 -3.88
N GLN A 131 -1.11 1.45 -5.19
CA GLN A 131 -0.99 0.31 -6.09
C GLN A 131 0.19 -0.57 -5.69
N ARG A 132 1.36 0.04 -5.44
CA ARG A 132 2.54 -0.73 -5.07
C ARG A 132 2.34 -1.43 -3.73
N LEU A 133 1.62 -0.79 -2.80
CA LEU A 133 1.36 -1.41 -1.50
C LEU A 133 0.44 -2.62 -1.64
N LEU A 134 -0.48 -2.59 -2.61
CA LEU A 134 -1.31 -3.78 -2.85
C LEU A 134 -0.47 -4.96 -3.33
N GLY A 135 0.52 -4.70 -4.17
CA GLY A 135 1.39 -5.76 -4.65
C GLY A 135 1.53 -5.82 -6.16
N PHE A 136 1.18 -4.73 -6.84
CA PHE A 136 1.31 -4.65 -8.29
C PHE A 136 1.49 -3.19 -8.67
N ASP A 137 1.56 -2.94 -9.98
CA ASP A 137 1.63 -1.58 -10.47
C ASP A 137 1.02 -1.48 -11.86
N ASP A 138 0.50 -0.29 -12.17
CA ASP A 138 -0.06 -0.01 -13.49
C ASP A 138 -0.16 1.51 -13.63
N ALA A 139 0.60 2.08 -14.55
CA ALA A 139 0.59 3.54 -14.71
C ALA A 139 -0.73 4.02 -15.28
N ARG A 140 -1.25 3.32 -16.28
CA ARG A 140 -2.50 3.75 -16.93
C ARG A 140 -3.68 3.65 -15.97
N ALA A 141 -3.76 2.56 -15.20
CA ALA A 141 -4.84 2.42 -14.23
C ALA A 141 -4.75 3.50 -13.16
N ALA A 142 -3.53 3.83 -12.72
CA ALA A 142 -3.37 4.90 -11.75
C ALA A 142 -3.81 6.24 -12.32
N ALA A 143 -3.49 6.51 -13.59
CA ALA A 143 -3.91 7.74 -14.22
C ALA A 143 -5.43 7.82 -14.30
N VAL A 144 -6.08 6.71 -14.68
CA VAL A 144 -7.54 6.69 -14.74
C VAL A 144 -8.13 6.93 -13.35
N TRP A 145 -7.55 6.30 -12.32
CA TRP A 145 -8.04 6.47 -10.97
C TRP A 145 -7.94 7.93 -10.53
N THR A 146 -6.80 8.57 -10.82
CA THR A 146 -6.64 9.98 -10.46
C THR A 146 -7.65 10.84 -11.20
N ALA A 147 -7.85 10.57 -12.49
CA ALA A 147 -8.81 11.37 -13.27
C ALA A 147 -10.22 11.23 -12.70
N VAL A 148 -10.60 10.02 -12.30
CA VAL A 148 -11.95 9.81 -11.77
C VAL A 148 -12.10 10.46 -10.39
N THR A 149 -11.11 10.29 -9.52
CA THR A 149 -11.25 10.72 -8.13
C THR A 149 -10.77 12.14 -7.88
N MET A 150 -10.32 12.86 -8.91
CA MET A 150 -9.90 14.25 -8.71
C MET A 150 -11.08 15.15 -8.34
N TRP A 151 -12.29 14.78 -8.76
CA TRP A 151 -13.45 15.64 -8.60
C TRP A 151 -14.34 15.23 -7.43
N THR A 152 -13.88 14.31 -6.57
CA THR A 152 -14.64 13.97 -5.37
C THR A 152 -14.66 15.14 -4.41
N GLU A 153 -15.72 15.22 -3.61
CA GLU A 153 -15.97 16.39 -2.77
C GLU A 153 -14.80 16.79 -1.89
N PRO A 154 -14.16 15.89 -1.12
CA PRO A 154 -13.00 16.33 -0.33
C PRO A 154 -11.85 16.82 -1.18
N VAL A 155 -11.46 16.05 -2.21
CA VAL A 155 -10.39 16.48 -3.08
C VAL A 155 -10.79 17.73 -3.86
N ARG A 156 -12.06 17.83 -4.25
CA ARG A 156 -12.52 19.00 -4.98
C ARG A 156 -12.40 20.27 -4.12
N SER A 157 -12.78 20.19 -2.85
CA SER A 157 -12.70 21.36 -1.98
C SER A 157 -11.31 21.59 -1.41
N THR A 158 -10.42 20.61 -1.49
CA THR A 158 -9.07 20.78 -0.93
C THR A 158 -8.29 21.84 -1.67
N LEU A 159 -8.24 21.76 -3.00
CA LEU A 159 -7.42 22.66 -3.80
C LEU A 159 -8.17 23.93 -4.20
N ASP A 160 -9.40 24.11 -3.72
CA ASP A 160 -10.10 25.38 -3.93
C ASP A 160 -9.55 26.48 -3.03
N TYR A 161 -9.12 26.13 -1.82
CA TYR A 161 -8.51 27.09 -0.92
C TYR A 161 -7.00 27.16 -1.06
N GLY A 162 -6.36 26.06 -1.43
CA GLY A 162 -4.92 25.98 -1.45
C GLY A 162 -4.31 25.24 -0.29
N GLN A 163 -4.98 24.23 0.25
CA GLN A 163 -4.49 23.53 1.43
C GLN A 163 -3.33 22.61 1.06
N ILE A 164 -2.84 21.87 2.06
CA ILE A 164 -1.60 21.10 1.93
C ILE A 164 -1.85 19.66 2.36
N ASN A 165 -3.11 19.23 2.37
CA ASN A 165 -3.46 17.92 2.89
C ASN A 165 -2.84 16.80 2.06
N VAL A 166 -2.83 16.94 0.73
CA VAL A 166 -2.36 15.86 -0.13
C VAL A 166 -0.88 15.63 0.06
N LEU A 167 -0.09 16.69 0.26
CA LEU A 167 1.33 16.53 0.51
C LEU A 167 1.58 15.77 1.81
N LEU A 168 0.83 16.07 2.86
CA LEU A 168 0.98 15.35 4.12
C LEU A 168 0.57 13.88 3.97
N MET A 169 -0.49 13.62 3.21
CA MET A 169 -0.88 12.23 2.96
C MET A 169 0.22 11.49 2.21
N LEU A 170 0.82 12.15 1.22
CA LEU A 170 1.92 11.53 0.48
C LEU A 170 3.12 11.24 1.39
N LEU A 171 3.44 12.18 2.29
CA LEU A 171 4.54 11.97 3.22
C LEU A 171 4.26 10.78 4.15
N ILE A 172 3.04 10.70 4.67
CA ILE A 172 2.69 9.58 5.55
C ILE A 172 2.77 8.26 4.81
N LEU A 173 2.27 8.23 3.57
CA LEU A 173 2.31 6.99 2.80
C LEU A 173 3.75 6.58 2.49
N LEU A 174 4.60 7.56 2.17
CA LEU A 174 6.02 7.26 1.93
C LEU A 174 6.67 6.71 3.19
N ALA A 175 6.35 7.29 4.35
CA ALA A 175 6.89 6.77 5.60
C ALA A 175 6.43 5.34 5.86
N VAL A 176 5.15 5.06 5.57
CA VAL A 176 4.61 3.72 5.78
C VAL A 176 5.29 2.71 4.87
N ALA A 177 5.52 3.09 3.60
CA ALA A 177 6.06 2.17 2.62
C ALA A 177 7.56 1.92 2.77
N SER A 178 8.28 2.75 3.52
CA SER A 178 9.71 2.59 3.66
C SER A 178 10.03 1.49 4.68
N SER A 179 11.31 1.10 4.71
CA SER A 179 11.78 0.06 5.61
C SER A 179 12.91 0.50 6.54
N ARG A 180 13.35 1.75 6.46
CA ARG A 180 14.42 2.26 7.30
C ARG A 180 13.86 3.14 8.39
N TRP A 181 14.42 3.02 9.61
CA TRP A 181 13.90 3.75 10.75
C TRP A 181 14.06 5.26 10.58
N TRP A 182 15.23 5.71 10.13
CA TRP A 182 15.51 7.14 10.09
C TRP A 182 14.64 7.84 9.04
N ILE A 183 14.47 7.23 7.87
CA ILE A 183 13.65 7.83 6.82
C ILE A 183 12.22 8.05 7.33
N SER A 184 11.61 6.99 7.85
CA SER A 184 10.22 7.07 8.30
C SER A 184 10.08 8.03 9.47
N GLY A 185 11.00 7.97 10.43
CA GLY A 185 10.91 8.86 11.57
C GLY A 185 11.03 10.32 11.19
N THR A 186 12.00 10.63 10.32
CA THR A 186 12.15 12.02 9.88
C THR A 186 10.94 12.48 9.10
N LEU A 187 10.39 11.63 8.23
CA LEU A 187 9.22 12.00 7.46
C LEU A 187 8.04 12.31 8.37
N ILE A 188 7.78 11.43 9.36
CA ILE A 188 6.66 11.64 10.26
C ILE A 188 6.88 12.89 11.10
N GLY A 189 8.10 13.10 11.60
CA GLY A 189 8.35 14.28 12.41
C GLY A 189 8.17 15.57 11.64
N LEU A 190 8.68 15.62 10.41
CA LEU A 190 8.52 16.81 9.59
C LEU A 190 7.06 17.04 9.21
N ALA A 191 6.32 15.96 8.94
CA ALA A 191 4.91 16.12 8.60
C ALA A 191 4.08 16.58 9.80
N GLY A 192 4.47 16.17 11.00
CA GLY A 192 3.74 16.56 12.19
C GLY A 192 4.18 17.89 12.78
N GLY A 193 5.34 18.39 12.36
CA GLY A 193 5.77 19.69 12.83
C GLY A 193 4.90 20.82 12.31
N VAL A 194 4.56 20.79 11.03
CA VAL A 194 3.79 21.88 10.43
C VAL A 194 2.33 21.84 10.91
N LYS A 195 1.73 20.67 10.96
CA LYS A 195 0.35 20.51 11.43
C LYS A 195 0.32 19.46 12.52
N LEU A 196 -0.53 19.66 13.52
CA LEU A 196 -0.59 18.77 14.68
C LEU A 196 -1.54 17.60 14.51
N THR A 197 -2.33 17.58 13.43
CA THR A 197 -3.26 16.49 13.23
C THR A 197 -2.62 15.19 12.70
N PRO A 198 -1.59 15.21 11.82
CA PRO A 198 -1.08 13.92 11.32
C PRO A 198 -0.07 13.29 12.24
N LEU A 199 -0.37 13.27 13.54
CA LEU A 199 0.41 12.54 14.53
C LEU A 199 -0.33 11.30 15.03
N VAL A 200 -1.48 10.98 14.45
CA VAL A 200 -2.22 9.78 14.80
C VAL A 200 -1.63 8.54 14.16
N SER A 201 -0.78 8.71 13.15
CA SER A 201 -0.12 7.56 12.52
C SER A 201 0.79 6.82 13.50
N GLY A 202 1.14 7.44 14.62
CA GLY A 202 1.86 6.73 15.65
C GLY A 202 1.07 5.56 16.21
N LEU A 203 -0.26 5.65 16.21
CA LEU A 203 -1.08 4.53 16.64
C LEU A 203 -0.88 3.33 15.73
N TYR A 204 -0.90 3.54 14.41
CA TYR A 204 -0.63 2.46 13.48
C TYR A 204 0.79 1.94 13.64
N PHE A 205 1.76 2.84 13.77
CA PHE A 205 3.15 2.41 13.82
C PHE A 205 3.45 1.64 15.10
N LEU A 206 2.71 1.90 16.18
CA LEU A 206 2.79 1.06 17.36
C LEU A 206 2.04 -0.25 17.17
N GLY A 207 0.93 -0.23 16.42
CA GLY A 207 0.21 -1.46 16.15
C GLY A 207 1.03 -2.46 15.35
N ALA A 208 1.83 -1.97 14.41
CA ALA A 208 2.65 -2.83 13.56
C ALA A 208 3.96 -3.25 14.24
N ARG A 209 4.14 -2.91 15.52
CA ARG A 209 5.32 -3.29 16.29
C ARG A 209 6.61 -2.73 15.68
N ARG A 210 6.52 -1.56 15.06
CA ARG A 210 7.70 -0.91 14.46
C ARG A 210 8.24 0.11 15.45
N TRP A 211 8.86 -0.39 16.52
CA TRP A 211 9.40 0.46 17.55
C TRP A 211 10.66 1.18 17.08
N THR A 212 11.03 2.21 17.84
CA THR A 212 12.09 3.20 17.62
C THR A 212 11.66 4.19 16.54
N THR A 213 10.61 3.90 15.77
CA THR A 213 10.08 4.88 14.83
C THR A 213 9.39 6.01 15.59
N ALA A 214 8.59 5.66 16.60
CA ALA A 214 8.00 6.66 17.48
C ALA A 214 9.04 7.46 18.23
N ILE A 215 10.12 6.84 18.67
CA ILE A 215 11.19 7.55 19.37
C ILE A 215 11.87 8.56 18.46
N TRP A 216 12.24 8.15 17.25
CA TRP A 216 12.89 9.08 16.33
C TRP A 216 11.94 10.18 15.90
N ALA A 217 10.66 9.85 15.69
CA ALA A 217 9.67 10.86 15.34
C ALA A 217 9.50 11.87 16.46
N GLY A 218 9.48 11.41 17.71
CA GLY A 218 9.40 12.33 18.83
C GLY A 218 10.61 13.23 18.93
N VAL A 219 11.80 12.68 18.70
CA VAL A 219 13.01 13.50 18.71
C VAL A 219 12.93 14.56 17.62
N VAL A 220 12.51 14.18 16.42
CA VAL A 220 12.39 15.14 15.32
C VAL A 220 11.37 16.21 15.65
N PHE A 221 10.25 15.81 16.27
CA PHE A 221 9.23 16.79 16.63
C PHE A 221 9.75 17.78 17.66
N LEU A 222 10.51 17.30 18.65
CA LEU A 222 11.08 18.21 19.64
C LEU A 222 12.11 19.15 19.03
N LEU A 223 12.92 18.67 18.07
CA LEU A 223 13.84 19.58 17.39
C LEU A 223 13.08 20.63 16.57
N THR A 224 11.98 20.23 15.92
CA THR A 224 11.17 21.22 15.21
C THR A 224 10.61 22.26 16.16
N VAL A 225 10.12 21.83 17.32
CA VAL A 225 9.60 22.78 18.31
C VAL A 225 10.70 23.71 18.77
N VAL A 226 11.90 23.17 19.01
CA VAL A 226 13.01 23.99 19.49
C VAL A 226 13.41 25.03 18.46
N VAL A 227 13.52 24.62 17.18
CA VAL A 227 13.92 25.57 16.15
C VAL A 227 12.83 26.62 15.93
N GLY A 228 11.55 26.21 16.03
CA GLY A 228 10.47 27.18 15.94
C GLY A 228 10.52 28.20 17.07
N ILE A 229 10.84 27.74 18.28
CA ILE A 229 11.01 28.67 19.40
C ILE A 229 12.17 29.61 19.14
N ALA A 230 13.29 29.08 18.63
CA ALA A 230 14.49 29.88 18.51
C ALA A 230 14.39 30.92 17.40
N VAL A 231 13.77 30.57 16.27
CA VAL A 231 13.76 31.50 15.13
C VAL A 231 12.89 32.72 15.39
N VAL A 232 11.70 32.54 15.96
CA VAL A 232 10.79 33.63 16.20
C VAL A 232 10.94 34.07 17.66
N GLY A 233 10.34 35.21 17.99
CA GLY A 233 10.50 35.78 19.32
C GLY A 233 9.73 35.03 20.39
N GLU A 234 10.19 33.82 20.69
CA GLU A 234 9.65 32.95 21.75
C GLU A 234 8.12 32.92 21.75
N GLN A 235 7.56 32.81 20.55
CA GLN A 235 6.11 32.77 20.39
C GLN A 235 5.53 31.36 20.43
N GLY A 236 6.37 30.32 20.37
CA GLY A 236 5.84 28.96 20.39
C GLY A 236 5.20 28.59 21.71
N ARG A 237 5.81 29.02 22.82
CA ARG A 237 5.23 28.74 24.13
C ARG A 237 3.85 29.40 24.26
N TYR A 238 3.74 30.66 23.84
CA TYR A 238 2.45 31.34 23.88
C TYR A 238 1.45 30.70 22.94
N TYR A 239 1.91 30.23 21.77
CA TYR A 239 1.02 29.53 20.85
C TYR A 239 0.45 28.27 21.48
N PHE A 240 1.29 27.50 22.14
CA PHE A 240 0.82 26.27 22.77
C PHE A 240 -0.08 26.55 23.96
N THR A 241 0.19 27.62 24.71
CA THR A 241 -0.69 27.97 25.82
C THR A 241 -2.05 28.42 25.32
N ASP A 242 -2.08 29.21 24.24
CA ASP A 242 -3.35 29.67 23.69
C ASP A 242 -4.12 28.52 23.05
N LEU A 243 -3.41 27.54 22.49
CA LEU A 243 -4.06 26.40 21.88
C LEU A 243 -4.88 25.62 22.91
N LEU A 244 -4.32 25.41 24.09
CA LEU A 244 -5.07 24.74 25.16
C LEU A 244 -6.21 25.62 25.66
N GLY A 245 -5.96 26.92 25.80
CA GLY A 245 -6.97 27.84 26.29
C GLY A 245 -7.84 28.41 25.17
N PRO A 252 -16.99 28.23 13.28
CA PRO A 252 -18.11 27.65 14.03
C PRO A 252 -18.10 26.13 13.94
N ILE A 253 -18.52 25.49 15.05
CA ILE A 253 -18.58 24.03 15.10
C ILE A 253 -19.97 23.49 14.81
N ALA A 254 -21.00 24.33 14.81
CA ALA A 254 -22.37 23.91 14.55
C ALA A 254 -22.73 23.92 13.07
N THR A 255 -21.80 24.32 12.20
CA THR A 255 -22.08 24.33 10.77
C THR A 255 -22.15 22.91 10.22
N VAL A 256 -22.68 22.80 8.99
CA VAL A 256 -22.85 21.49 8.38
C VAL A 256 -21.55 20.98 7.76
N PHE A 257 -20.59 21.85 7.49
CA PHE A 257 -19.31 21.40 6.95
C PHE A 257 -18.58 20.51 7.94
N ASN A 258 -18.62 20.86 9.22
CA ASN A 258 -18.00 20.04 10.26
C ASN A 258 -18.73 18.70 10.36
N GLN A 259 -18.04 17.62 10.01
CA GLN A 259 -18.64 16.29 9.95
C GLN A 259 -18.04 15.37 11.01
N SER A 260 -17.90 15.88 12.22
CA SER A 260 -17.41 15.11 13.35
C SER A 260 -18.55 14.85 14.33
N TRP A 261 -18.23 14.07 15.37
CA TRP A 261 -19.24 13.72 16.37
C TRP A 261 -19.75 14.96 17.08
N ARG A 262 -18.84 15.85 17.49
CA ARG A 262 -19.24 17.06 18.20
C ARG A 262 -20.15 17.93 17.34
N GLY A 263 -19.82 18.07 16.05
CA GLY A 263 -20.64 18.88 15.18
C GLY A 263 -22.05 18.34 15.03
N GLY A 264 -22.18 17.03 14.82
CA GLY A 264 -23.50 16.44 14.67
C GLY A 264 -24.32 16.51 15.95
N ILE A 265 -23.69 16.23 17.09
CA ILE A 265 -24.41 16.31 18.37
C ILE A 265 -24.86 17.73 18.62
N SER A 266 -24.00 18.71 18.35
CA SER A 266 -24.37 20.11 18.54
C SER A 266 -25.50 20.51 17.60
N ARG A 267 -25.46 20.05 16.35
CA ARG A 267 -26.53 20.38 15.40
C ARG A 267 -27.86 19.80 15.85
N ILE A 268 -27.86 18.56 16.33
CA ILE A 268 -29.11 17.94 16.78
C ILE A 268 -29.63 18.62 18.04
N LEU A 269 -28.74 18.85 19.01
CA LEU A 269 -29.17 19.45 20.27
C LEU A 269 -29.58 20.91 20.10
N GLY A 270 -28.81 21.67 19.33
CA GLY A 270 -29.00 23.09 19.18
C GLY A 270 -28.01 23.94 19.96
N HIS A 271 -27.30 23.35 20.92
CA HIS A 271 -26.29 24.04 21.68
C HIS A 271 -25.01 23.21 21.69
N ASP A 272 -23.91 23.85 22.07
CA ASP A 272 -22.60 23.19 22.04
C ASP A 272 -22.59 21.96 22.96
N ALA A 273 -22.08 20.86 22.44
CA ALA A 273 -22.04 19.62 23.21
C ALA A 273 -20.81 19.57 24.11
N GLY A 274 -19.63 19.62 23.52
CA GLY A 274 -18.40 19.52 24.31
C GLY A 274 -18.30 18.17 25.01
N SER A 275 -17.99 18.22 26.31
CA SER A 275 -17.88 17.01 27.12
C SER A 275 -19.21 16.75 27.83
N GLY A 276 -20.18 16.33 27.04
CA GLY A 276 -21.52 16.06 27.53
C GLY A 276 -21.66 14.65 28.08
N VAL A 277 -22.93 14.28 28.34
CA VAL A 277 -23.23 12.97 28.90
C VAL A 277 -23.47 11.91 27.83
N LEU A 278 -23.44 12.28 26.54
CA LEU A 278 -23.60 11.35 25.45
C LEU A 278 -22.43 11.35 24.48
N VAL A 279 -21.66 12.43 24.45
CA VAL A 279 -20.48 12.48 23.58
C VAL A 279 -19.45 11.46 24.01
N LEU A 280 -19.35 11.21 25.32
CA LEU A 280 -18.43 10.19 25.81
C LEU A 280 -18.86 8.79 25.38
N PHE A 281 -20.18 8.55 25.33
CA PHE A 281 -20.68 7.25 24.82
C PHE A 281 -20.54 7.24 23.29
N ALA A 282 -20.84 8.37 22.64
CA ALA A 282 -20.79 8.45 21.16
C ALA A 282 -19.37 8.11 20.69
N TYR A 283 -18.36 8.73 21.29
CA TYR A 283 -16.96 8.42 20.93
C TYR A 283 -16.57 7.06 21.52
N ALA A 284 -17.05 6.78 22.73
CA ALA A 284 -16.78 5.46 23.35
C ALA A 284 -17.06 4.29 22.41
N VAL A 285 -18.24 4.22 21.81
CA VAL A 285 -18.56 3.02 21.01
C VAL A 285 -17.83 3.06 19.68
N THR A 286 -17.47 4.20 19.16
CA THR A 286 -16.66 4.28 17.96
C THR A 286 -15.25 3.76 18.21
N ALA A 287 -14.73 3.96 19.43
CA ALA A 287 -13.42 3.39 19.75
C ALA A 287 -13.44 1.87 19.67
N ILE A 288 -14.48 1.24 20.25
CA ILE A 288 -14.52 -0.22 20.23
C ILE A 288 -14.77 -0.74 18.82
N LEU A 289 -15.64 -0.06 18.06
CA LEU A 289 -15.85 -0.48 16.67
C LEU A 289 -14.58 -0.36 15.85
N ALA A 290 -13.81 0.72 16.03
CA ALA A 290 -12.56 0.88 15.31
C ALA A 290 -11.56 -0.20 15.69
N PHE A 291 -11.49 -0.54 16.98
CA PHE A 291 -10.57 -1.59 17.41
C PHE A 291 -10.94 -2.92 16.77
N LEU A 292 -12.23 -3.27 16.76
CA LEU A 292 -12.64 -4.53 16.17
C LEU A 292 -12.37 -4.56 14.66
N ALA A 293 -12.67 -3.45 13.98
CA ALA A 293 -12.42 -3.37 12.54
C ALA A 293 -10.93 -3.50 12.24
N TRP A 294 -10.08 -2.87 13.04
CA TRP A 294 -8.64 -3.00 12.85
C TRP A 294 -8.20 -4.43 13.07
N ARG A 295 -8.73 -5.10 14.10
CA ARG A 295 -8.35 -6.48 14.35
C ARG A 295 -8.78 -7.39 13.20
N ALA A 296 -9.87 -7.03 12.51
CA ALA A 296 -10.32 -7.84 11.38
C ALA A 296 -9.29 -7.88 10.26
N VAL A 297 -8.67 -6.74 9.96
CA VAL A 297 -7.77 -6.63 8.80
C VAL A 297 -6.34 -6.90 9.25
N ASN A 298 -5.55 -7.48 8.35
CA ASN A 298 -4.18 -7.88 8.66
C ASN A 298 -3.24 -7.52 7.51
N ASP A 299 -3.35 -6.31 6.99
CA ASP A 299 -2.40 -5.80 6.00
C ASP A 299 -2.19 -4.31 6.22
N ARG A 300 -1.12 -3.79 5.62
CA ARG A 300 -0.68 -2.42 5.91
C ARG A 300 -1.73 -1.39 5.52
N LEU A 301 -2.20 -1.45 4.28
CA LEU A 301 -3.11 -0.41 3.79
C LEU A 301 -4.42 -0.40 4.57
N GLY A 302 -4.98 -1.58 4.84
CA GLY A 302 -6.21 -1.63 5.61
C GLY A 302 -6.03 -1.07 7.02
N GLN A 303 -4.93 -1.41 7.67
CA GLN A 303 -4.68 -0.93 9.02
C GLN A 303 -4.53 0.59 9.05
N ILE A 304 -3.76 1.14 8.11
CA ILE A 304 -3.57 2.59 8.09
C ILE A 304 -4.86 3.30 7.73
N CYS A 305 -5.68 2.70 6.86
CA CYS A 305 -6.96 3.29 6.51
C CYS A 305 -7.89 3.33 7.71
N VAL A 306 -7.95 2.24 8.48
CA VAL A 306 -8.81 2.22 9.66
C VAL A 306 -8.31 3.23 10.70
N VAL A 307 -6.99 3.32 10.87
CA VAL A 307 -6.42 4.28 11.83
C VAL A 307 -6.77 5.70 11.44
N GLU A 308 -6.64 6.03 10.14
CA GLU A 308 -6.96 7.38 9.69
C GLU A 308 -8.46 7.67 9.78
N MET A 309 -9.30 6.67 9.53
CA MET A 309 -10.74 6.85 9.72
C MET A 309 -11.08 7.13 11.17
N PHE A 310 -10.45 6.40 12.09
CA PHE A 310 -10.64 6.66 13.52
C PHE A 310 -10.21 8.08 13.87
N GLY A 311 -9.04 8.49 13.37
CA GLY A 311 -8.58 9.85 13.63
C GLY A 311 -9.52 10.91 13.09
N LEU A 312 -10.06 10.67 11.89
CA LEU A 312 -11.02 11.61 11.31
C LEU A 312 -12.29 11.70 12.17
N LEU A 313 -12.77 10.55 12.65
CA LEU A 313 -13.99 10.54 13.43
C LEU A 313 -13.83 11.15 14.82
N ILE A 314 -12.65 11.00 15.42
CA ILE A 314 -12.43 11.50 16.78
C ILE A 314 -12.15 13.01 16.83
N SER A 315 -11.60 13.58 15.75
CA SER A 315 -11.16 14.97 15.79
C SER A 315 -12.33 15.89 16.09
N PRO A 316 -12.12 16.93 16.91
CA PRO A 316 -13.24 17.82 17.28
C PRO A 316 -13.72 18.67 16.12
N ILE A 317 -12.81 19.17 15.28
CA ILE A 317 -13.16 19.98 14.13
C ILE A 317 -12.52 19.33 12.91
N SER A 318 -13.35 18.71 12.07
CA SER A 318 -12.89 17.98 10.88
C SER A 318 -13.76 18.39 9.70
N TRP A 319 -13.31 19.41 8.96
CA TRP A 319 -14.02 19.84 7.78
C TRP A 319 -14.03 18.75 6.72
N THR A 320 -14.83 18.97 5.67
CA THR A 320 -14.97 17.99 4.62
C THR A 320 -13.68 17.80 3.83
N HIS A 321 -12.83 18.83 3.74
CA HIS A 321 -11.58 18.72 3.01
C HIS A 321 -10.53 17.89 3.76
N HIS A 322 -10.81 17.47 4.99
CA HIS A 322 -9.94 16.56 5.71
C HIS A 322 -10.20 15.09 5.38
N TRP A 323 -11.19 14.80 4.54
CA TRP A 323 -11.59 13.44 4.23
C TRP A 323 -10.94 12.90 2.95
N VAL A 324 -9.70 13.30 2.66
CA VAL A 324 -9.00 12.89 1.46
C VAL A 324 -8.44 11.47 1.64
N TRP A 325 -8.70 10.86 2.79
CA TRP A 325 -8.21 9.53 3.08
C TRP A 325 -9.14 8.42 2.60
N MET A 326 -10.24 8.77 1.93
CA MET A 326 -11.16 7.77 1.42
C MET A 326 -10.75 7.22 0.06
N VAL A 327 -9.70 7.74 -0.55
CA VAL A 327 -9.20 7.22 -1.83
C VAL A 327 -8.42 5.94 -1.60
N PRO A 328 -7.42 5.91 -0.69
CA PRO A 328 -6.75 4.62 -0.42
C PRO A 328 -7.70 3.56 0.10
N PHE A 329 -8.69 3.96 0.90
CA PHE A 329 -9.67 3.01 1.42
C PHE A 329 -10.51 2.43 0.28
N MET A 330 -10.89 3.27 -0.68
CA MET A 330 -11.65 2.80 -1.83
C MET A 330 -10.82 1.85 -2.69
N VAL A 331 -9.54 2.19 -2.90
CA VAL A 331 -8.67 1.31 -3.67
C VAL A 331 -8.48 -0.03 -2.97
N TRP A 332 -8.38 0.00 -1.63
CA TRP A 332 -8.29 -1.25 -0.88
C TRP A 332 -9.57 -2.07 -1.00
N LEU A 333 -10.73 -1.41 -0.96
CA LEU A 333 -11.99 -2.13 -1.12
C LEU A 333 -12.08 -2.80 -2.48
N LEU A 334 -11.65 -2.09 -3.54
CA LEU A 334 -11.84 -2.63 -4.88
C LEU A 334 -10.77 -3.63 -5.28
N HIS A 335 -9.52 -3.44 -4.85
CA HIS A 335 -8.41 -4.28 -5.28
C HIS A 335 -7.80 -5.11 -4.16
N GLY A 336 -8.31 -5.04 -2.94
CA GLY A 336 -7.70 -5.72 -1.82
C GLY A 336 -8.06 -7.19 -1.77
N PRO A 337 -7.64 -7.83 -0.67
CA PRO A 337 -7.94 -9.26 -0.51
C PRO A 337 -9.44 -9.58 -0.49
N TRP A 338 -10.27 -8.67 0.01
CA TRP A 338 -11.70 -8.89 0.12
C TRP A 338 -12.45 -8.55 -1.16
N ARG A 339 -11.76 -8.50 -2.30
CA ARG A 339 -12.39 -8.16 -3.57
C ARG A 339 -13.37 -9.22 -4.05
N ASP A 340 -13.32 -10.44 -3.51
CA ASP A 340 -14.19 -11.53 -3.94
C ASP A 340 -15.55 -11.51 -3.27
N LYS A 341 -15.81 -10.55 -2.38
CA LYS A 341 -17.11 -10.64 -1.69
C LYS A 341 -18.09 -9.73 -2.42
N VAL A 342 -19.39 -9.91 -2.18
CA VAL A 342 -20.43 -9.02 -2.78
C VAL A 342 -20.90 -8.02 -1.71
N GLY A 343 -20.15 -7.89 -0.61
CA GLY A 343 -20.47 -6.82 0.34
C GLY A 343 -19.52 -5.69 0.02
N ALA A 344 -18.26 -5.99 -0.08
CA ALA A 344 -17.22 -5.00 -0.36
C ALA A 344 -17.55 -4.21 -1.61
N LYS A 345 -18.06 -4.88 -2.65
CA LYS A 345 -18.47 -4.18 -3.87
C LYS A 345 -19.59 -3.20 -3.59
N VAL A 346 -20.60 -3.63 -2.82
CA VAL A 346 -21.72 -2.75 -2.50
C VAL A 346 -21.23 -1.53 -1.73
N PHE A 347 -20.39 -1.75 -0.73
CA PHE A 347 -19.88 -0.63 0.07
C PHE A 347 -19.02 0.30 -0.76
N GLY A 348 -18.18 -0.24 -1.64
CA GLY A 348 -17.36 0.61 -2.49
C GLY A 348 -18.19 1.47 -3.43
N CYS A 349 -19.18 0.87 -4.08
CA CYS A 349 -20.04 1.65 -4.98
C CYS A 349 -20.84 2.70 -4.21
N GLY A 350 -21.36 2.33 -3.04
CA GLY A 350 -22.12 3.29 -2.25
C GLY A 350 -21.27 4.45 -1.78
N TRP A 351 -20.05 4.16 -1.30
CA TRP A 351 -19.14 5.22 -0.89
C TRP A 351 -18.79 6.12 -2.06
N LEU A 352 -18.53 5.54 -3.23
CA LEU A 352 -18.18 6.34 -4.40
C LEU A 352 -19.31 7.28 -4.79
N VAL A 353 -20.54 6.76 -4.86
CA VAL A 353 -21.64 7.62 -5.28
C VAL A 353 -21.95 8.66 -4.21
N LEU A 354 -21.86 8.29 -2.94
CA LEU A 354 -22.14 9.24 -1.86
C LEU A 354 -21.12 10.37 -1.85
N LEU A 355 -19.84 10.04 -2.04
CA LEU A 355 -18.81 11.08 -2.03
C LEU A 355 -18.90 11.94 -3.28
N LEU A 356 -19.28 11.35 -4.42
CA LEU A 356 -19.41 12.13 -5.64
C LEU A 356 -20.58 13.10 -5.54
N ILE A 357 -21.70 12.67 -4.95
CA ILE A 357 -22.87 13.54 -4.85
C ILE A 357 -22.59 14.72 -3.95
N GLY A 358 -21.95 14.49 -2.80
CA GLY A 358 -21.66 15.56 -1.87
C GLY A 358 -22.88 16.02 -1.10
N VAL A 359 -23.41 15.14 -0.23
CA VAL A 359 -24.64 15.46 0.50
C VAL A 359 -24.49 16.67 1.42
N PRO A 360 -23.44 16.79 2.24
CA PRO A 360 -23.33 18.00 3.09
C PRO A 360 -23.25 19.29 2.31
N TRP A 361 -22.58 19.27 1.14
CA TRP A 361 -22.54 20.47 0.31
C TRP A 361 -23.94 20.86 -0.16
N LEU A 362 -24.75 19.86 -0.54
CA LEU A 362 -26.13 20.14 -0.92
C LEU A 362 -26.91 20.69 0.26
N LEU A 363 -26.73 20.12 1.45
CA LEU A 363 -27.45 20.60 2.63
C LEU A 363 -27.04 22.01 3.02
N SER A 364 -25.81 22.42 2.67
CA SER A 364 -25.29 23.72 3.09
C SER A 364 -26.16 24.87 2.62
N PHE A 365 -26.97 24.68 1.59
CA PHE A 365 -27.87 25.73 1.12
C PHE A 365 -29.08 25.92 2.03
N ALA A 366 -29.35 24.98 2.93
CA ALA A 366 -30.45 25.09 3.88
C ALA A 366 -30.01 25.43 5.29
N GLN A 367 -28.71 25.35 5.59
CA GLN A 367 -28.18 25.60 6.91
C GLN A 367 -28.47 27.02 7.37
N PRO A 368 -29.14 27.20 8.50
CA PRO A 368 -29.39 28.55 9.02
C PRO A 368 -28.11 29.22 9.47
N ASP A 369 -28.19 30.54 9.68
CA ASP A 369 -27.03 31.30 10.11
C ASP A 369 -26.53 30.84 11.47
N ILE A 370 -27.43 30.41 12.35
CA ILE A 370 -27.06 29.94 13.68
C ILE A 370 -27.66 28.57 13.94
N ARG A 375 -34.02 24.63 14.27
CA ARG A 375 -33.63 23.74 13.17
C ARG A 375 -34.75 22.77 12.82
N PRO A 376 -35.30 22.90 11.61
CA PRO A 376 -36.26 21.90 11.13
C PRO A 376 -35.63 20.51 11.11
N TRP A 377 -36.22 19.57 11.85
CA TRP A 377 -35.57 18.27 12.02
C TRP A 377 -35.42 17.46 10.73
N PRO A 378 -36.30 17.56 9.72
CA PRO A 378 -35.98 16.90 8.44
C PRO A 378 -34.70 17.42 7.80
N LEU A 379 -34.27 18.63 8.13
CA LEU A 379 -33.01 19.17 7.64
C LEU A 379 -31.88 19.02 8.63
N ALA A 380 -32.18 19.03 9.93
CA ALA A 380 -31.14 18.87 10.95
C ALA A 380 -30.69 17.42 11.09
N TRP A 381 -31.55 16.47 10.74
CA TRP A 381 -31.24 15.05 10.87
C TRP A 381 -30.46 14.49 9.69
N ALA A 382 -30.20 15.31 8.67
CA ALA A 382 -29.48 14.86 7.48
C ALA A 382 -28.00 15.23 7.51
N GLY A 383 -27.53 15.88 8.57
CA GLY A 383 -26.14 16.26 8.70
C GLY A 383 -25.25 15.18 9.24
N LEU A 384 -25.77 13.96 9.37
CA LEU A 384 -25.05 12.83 9.97
C LEU A 384 -24.90 11.65 9.00
N VAL A 385 -25.01 11.92 7.70
CA VAL A 385 -24.96 10.83 6.71
C VAL A 385 -23.57 10.21 6.66
N ASP A 386 -22.52 11.04 6.65
CA ASP A 386 -21.16 10.51 6.61
C ASP A 386 -20.83 9.74 7.88
N ILE A 387 -21.28 10.25 9.03
CA ILE A 387 -21.04 9.56 10.30
C ILE A 387 -21.71 8.18 10.29
N VAL A 388 -22.96 8.12 9.83
CA VAL A 388 -23.65 6.84 9.80
C VAL A 388 -23.02 5.89 8.78
N ALA A 389 -22.56 6.43 7.65
CA ALA A 389 -21.89 5.58 6.67
C ALA A 389 -20.61 4.97 7.24
N ALA A 390 -19.81 5.78 7.93
CA ALA A 390 -18.59 5.27 8.54
C ALA A 390 -18.91 4.25 9.62
N ILE A 391 -19.94 4.51 10.43
CA ILE A 391 -20.32 3.58 11.48
C ILE A 391 -20.77 2.24 10.88
N ALA A 392 -21.55 2.30 9.80
CA ALA A 392 -22.01 1.08 9.15
C ALA A 392 -20.85 0.29 8.57
N THR A 393 -19.89 0.98 7.94
CA THR A 393 -18.72 0.30 7.39
C THR A 393 -17.92 -0.38 8.50
N LEU A 394 -17.71 0.33 9.61
CA LEU A 394 -16.97 -0.26 10.73
C LEU A 394 -17.70 -1.48 11.29
N THR A 395 -19.01 -1.38 11.46
CA THR A 395 -19.79 -2.51 11.98
C THR A 395 -19.72 -3.70 11.04
N TRP A 396 -19.85 -3.45 9.72
CA TRP A 396 -19.81 -4.55 8.76
C TRP A 396 -18.46 -5.25 8.79
N MET A 397 -17.37 -4.47 8.80
CA MET A 397 -16.04 -5.09 8.87
C MET A 397 -15.87 -5.86 10.17
N ALA A 398 -16.35 -5.31 11.29
CA ALA A 398 -16.22 -6.01 12.56
C ALA A 398 -16.97 -7.34 12.54
N VAL A 399 -18.18 -7.37 12.00
CA VAL A 399 -18.96 -8.60 12.00
C VAL A 399 -18.34 -9.63 11.08
N VAL A 400 -17.89 -9.22 9.89
CA VAL A 400 -17.29 -10.20 8.98
C VAL A 400 -15.96 -10.70 9.52
N GLY A 401 -15.23 -9.86 10.25
CA GLY A 401 -14.04 -10.32 10.93
C GLY A 401 -14.33 -11.28 12.06
N ARG A 402 -15.43 -11.06 12.79
CA ARG A 402 -15.82 -11.96 13.87
C ARG A 402 -16.21 -13.33 13.33
N ARG A 403 -17.04 -13.35 12.29
CA ARG A 403 -17.53 -14.63 11.78
C ARG A 403 -16.43 -15.46 11.13
N SER A 404 -15.34 -14.82 10.70
CA SER A 404 -14.23 -15.53 10.07
C SER A 404 -13.23 -16.08 11.07
N GLY A 405 -13.37 -15.76 12.36
CA GLY A 405 -12.46 -16.24 13.36
C GLY A 405 -11.08 -15.62 13.28
N GLU B 1 -9.64 -26.51 -7.74
CA GLU B 1 -9.61 -25.05 -7.69
C GLU B 1 -8.52 -24.50 -8.60
N VAL B 2 -7.40 -24.10 -7.99
CA VAL B 2 -6.29 -23.56 -8.77
C VAL B 2 -5.60 -24.69 -9.53
N GLN B 3 -5.47 -24.51 -10.84
CA GLN B 3 -4.88 -25.53 -11.71
C GLN B 3 -3.92 -24.88 -12.69
N LEU B 4 -2.93 -25.65 -13.12
CA LEU B 4 -1.99 -25.23 -14.15
C LEU B 4 -1.63 -26.45 -15.00
N VAL B 5 -1.77 -26.32 -16.32
CA VAL B 5 -1.60 -27.42 -17.24
C VAL B 5 -0.65 -27.00 -18.36
N GLU B 6 0.25 -27.90 -18.72
CA GLU B 6 1.24 -27.65 -19.77
C GLU B 6 1.03 -28.64 -20.91
N SER B 7 1.31 -28.18 -22.13
CA SER B 7 1.03 -28.99 -23.32
C SER B 7 2.14 -29.01 -24.37
N GLY B 8 3.06 -28.05 -24.39
CA GLY B 8 3.97 -27.91 -25.51
C GLY B 8 5.26 -28.71 -25.45
N GLY B 9 5.16 -30.03 -25.36
CA GLY B 9 6.32 -30.90 -25.34
C GLY B 9 6.43 -31.70 -26.62
N GLY B 10 7.65 -31.96 -27.04
CA GLY B 10 7.89 -32.66 -28.29
C GLY B 10 9.30 -33.19 -28.43
N LEU B 11 9.74 -33.33 -29.68
CA LEU B 11 11.02 -33.95 -30.05
C LEU B 11 11.74 -33.09 -31.09
N VAL B 12 11.87 -31.79 -30.80
CA VAL B 12 12.46 -30.86 -31.75
C VAL B 12 13.88 -31.27 -32.11
N GLN B 13 14.33 -30.83 -33.29
CA GLN B 13 15.63 -31.11 -33.85
C GLN B 13 16.66 -30.12 -33.32
N PRO B 14 17.96 -30.46 -33.40
CA PRO B 14 18.98 -29.51 -32.93
C PRO B 14 19.08 -28.29 -33.84
N GLY B 15 18.11 -27.39 -33.69
CA GLY B 15 18.00 -26.22 -34.53
C GLY B 15 16.57 -25.96 -34.91
N GLY B 16 16.08 -24.75 -34.66
CA GLY B 16 14.69 -24.42 -34.90
C GLY B 16 14.06 -23.66 -33.75
N SER B 17 12.76 -23.86 -33.53
CA SER B 17 12.06 -23.13 -32.47
C SER B 17 10.84 -23.93 -32.05
N LEU B 18 10.31 -23.58 -30.89
CA LEU B 18 9.10 -24.19 -30.35
C LEU B 18 8.52 -23.26 -29.30
N ARG B 19 7.29 -23.53 -28.90
CA ARG B 19 6.61 -22.72 -27.91
C ARG B 19 5.93 -23.60 -26.87
N LEU B 20 5.69 -23.01 -25.69
CA LEU B 20 5.05 -23.67 -24.57
C LEU B 20 3.76 -22.94 -24.21
N SER B 21 2.91 -23.61 -23.44
CA SER B 21 1.67 -23.03 -22.95
C SER B 21 1.39 -23.57 -21.56
N CYS B 22 1.02 -22.69 -20.64
CA CYS B 22 0.67 -23.06 -19.27
C CYS B 22 -0.62 -22.34 -18.90
N ALA B 23 -1.76 -23.03 -19.06
CA ALA B 23 -3.05 -22.44 -18.79
C ALA B 23 -3.32 -22.40 -17.28
N ALA B 24 -4.43 -21.78 -16.89
CA ALA B 24 -4.76 -21.62 -15.48
C ALA B 24 -6.27 -21.58 -15.32
N SER B 25 -6.72 -21.84 -14.09
CA SER B 25 -8.14 -21.83 -13.77
C SER B 25 -8.31 -21.59 -12.28
N GLY B 26 -9.20 -20.66 -11.93
CA GLY B 26 -9.51 -20.36 -10.55
C GLY B 26 -8.91 -19.09 -9.99
N PHE B 27 -8.19 -18.32 -10.80
CA PHE B 27 -7.61 -17.06 -10.33
C PHE B 27 -7.35 -16.17 -11.54
N ASN B 28 -6.83 -14.98 -11.26
CA ASN B 28 -6.59 -13.95 -12.28
C ASN B 28 -5.11 -13.62 -12.31
N PHE B 29 -4.54 -13.54 -13.52
CA PHE B 29 -3.12 -13.23 -13.67
C PHE B 29 -2.77 -11.81 -13.27
N TYR B 30 -3.75 -10.91 -13.14
CA TYR B 30 -3.45 -9.51 -12.91
C TYR B 30 -2.79 -9.26 -11.55
N TYR B 31 -2.86 -10.23 -10.63
CA TYR B 31 -2.35 -10.04 -9.28
C TYR B 31 -1.16 -10.92 -8.94
N TYR B 32 -0.68 -11.75 -9.88
CA TYR B 32 0.38 -12.70 -9.58
C TYR B 32 1.41 -12.67 -10.70
N SER B 33 2.50 -13.41 -10.47
CA SER B 33 3.60 -13.54 -11.41
C SER B 33 3.79 -15.01 -11.79
N ILE B 34 4.23 -15.24 -13.02
CA ILE B 34 4.40 -16.58 -13.56
C ILE B 34 5.88 -16.78 -13.90
N HIS B 35 6.42 -17.95 -13.55
CA HIS B 35 7.81 -18.28 -13.79
C HIS B 35 7.90 -19.64 -14.47
N TRP B 36 9.04 -19.89 -15.11
CA TRP B 36 9.34 -21.18 -15.71
C TRP B 36 10.65 -21.70 -15.15
N VAL B 37 10.65 -22.96 -14.70
CA VAL B 37 11.82 -23.60 -14.13
C VAL B 37 12.03 -24.92 -14.86
N ARG B 38 13.30 -25.20 -15.18
CA ARG B 38 13.65 -26.40 -15.92
C ARG B 38 14.59 -27.25 -15.07
N GLN B 39 14.69 -28.53 -15.44
CA GLN B 39 15.51 -29.48 -14.69
C GLN B 39 16.04 -30.52 -15.65
N ALA B 40 17.35 -30.51 -15.89
CA ALA B 40 17.99 -31.52 -16.72
C ALA B 40 17.82 -32.90 -16.07
N PRO B 41 17.80 -33.98 -16.87
CA PRO B 41 17.56 -35.30 -16.29
C PRO B 41 18.78 -35.82 -15.53
N GLY B 42 18.63 -35.94 -14.22
CA GLY B 42 19.74 -36.31 -13.35
C GLY B 42 20.46 -35.15 -12.70
N LYS B 43 19.91 -33.94 -12.77
CA LYS B 43 20.54 -32.76 -12.19
C LYS B 43 19.49 -32.01 -11.38
N GLY B 44 19.85 -30.81 -10.92
CA GLY B 44 18.98 -30.01 -10.09
C GLY B 44 18.20 -28.97 -10.87
N LEU B 45 17.42 -28.20 -10.11
CA LEU B 45 16.57 -27.17 -10.71
C LEU B 45 17.39 -26.01 -11.23
N GLU B 46 16.85 -25.32 -12.23
CA GLU B 46 17.48 -24.14 -12.83
C GLU B 46 16.39 -23.17 -13.26
N TRP B 47 16.54 -21.91 -12.88
CA TRP B 47 15.56 -20.89 -13.22
C TRP B 47 15.80 -20.35 -14.62
N VAL B 48 14.71 -20.01 -15.33
CA VAL B 48 14.77 -19.62 -16.73
C VAL B 48 14.35 -18.17 -16.94
N ALA B 49 13.12 -17.83 -16.56
CA ALA B 49 12.61 -16.48 -16.81
C ALA B 49 11.48 -16.15 -15.84
N SER B 50 11.17 -14.86 -15.75
CA SER B 50 10.15 -14.36 -14.84
C SER B 50 9.39 -13.22 -15.51
N ILE B 51 8.17 -12.97 -15.01
CA ILE B 51 7.31 -11.93 -15.56
C ILE B 51 6.50 -11.32 -14.41
N SER B 52 5.90 -10.16 -14.68
CA SER B 52 5.05 -9.49 -13.70
C SER B 52 3.56 -9.59 -14.03
N SER B 53 3.20 -9.80 -15.29
CA SER B 53 1.83 -9.93 -15.80
C SER B 53 1.01 -8.66 -15.62
N SER B 54 1.61 -7.57 -15.16
CA SER B 54 0.89 -6.30 -15.00
C SER B 54 1.64 -5.18 -15.70
N SER B 55 2.97 -5.25 -15.69
CA SER B 55 3.81 -4.21 -16.28
C SER B 55 4.64 -4.72 -17.44
N GLY B 56 5.38 -5.81 -17.26
CA GLY B 56 6.22 -6.32 -18.32
C GLY B 56 7.08 -7.47 -17.84
N SER B 57 7.89 -8.00 -18.76
CA SER B 57 8.72 -9.15 -18.52
C SER B 57 10.20 -8.76 -18.54
N THR B 58 10.96 -9.28 -17.57
CA THR B 58 12.40 -9.08 -17.49
C THR B 58 13.03 -10.39 -17.05
N SER B 59 14.29 -10.32 -16.63
CA SER B 59 14.99 -11.43 -15.99
C SER B 59 15.04 -12.66 -16.91
N TYR B 60 15.80 -12.50 -18.00
CA TYR B 60 15.99 -13.57 -18.97
C TYR B 60 17.28 -14.35 -18.74
N ALA B 61 17.82 -14.29 -17.52
CA ALA B 61 19.02 -15.02 -17.12
C ALA B 61 20.15 -14.67 -18.08
N ASP B 62 20.91 -15.64 -18.57
CA ASP B 62 21.99 -15.38 -19.53
C ASP B 62 21.75 -16.00 -20.90
N SER B 63 21.02 -17.11 -20.99
CA SER B 63 20.65 -17.67 -22.27
C SER B 63 19.43 -16.95 -22.82
N VAL B 64 19.63 -15.74 -23.34
CA VAL B 64 18.53 -14.87 -23.75
C VAL B 64 18.11 -15.20 -25.18
N LYS B 65 17.18 -16.15 -25.31
CA LYS B 65 16.59 -16.44 -26.62
C LYS B 65 15.10 -16.71 -26.56
N GLY B 66 14.45 -16.55 -25.40
CA GLY B 66 13.03 -16.78 -25.28
C GLY B 66 12.21 -15.52 -25.48
N ARG B 67 10.90 -15.71 -25.50
CA ARG B 67 9.96 -14.59 -25.61
C ARG B 67 9.12 -14.42 -24.34
N PHE B 68 8.40 -15.46 -23.92
CA PHE B 68 7.77 -15.53 -22.60
C PHE B 68 6.80 -14.36 -22.38
N THR B 69 5.73 -14.40 -23.17
CA THR B 69 4.65 -13.43 -23.07
C THR B 69 3.40 -14.05 -22.43
N ILE B 70 2.46 -13.19 -22.05
CA ILE B 70 1.20 -13.60 -21.43
C ILE B 70 0.05 -12.90 -22.13
N SER B 71 -1.03 -13.64 -22.38
CA SER B 71 -2.27 -13.07 -22.91
C SER B 71 -3.29 -13.04 -21.78
N ALA B 72 -3.29 -11.93 -21.05
CA ALA B 72 -4.16 -11.79 -19.89
C ALA B 72 -5.62 -11.69 -20.30
N ASP B 73 -6.49 -12.31 -19.50
CA ASP B 73 -7.93 -12.38 -19.68
C ASP B 73 -8.36 -12.97 -21.03
N THR B 74 -7.46 -13.64 -21.74
CA THR B 74 -7.78 -14.35 -22.98
C THR B 74 -7.41 -15.80 -22.76
N SER B 75 -8.34 -16.56 -22.18
CA SER B 75 -8.18 -17.97 -21.82
C SER B 75 -7.08 -18.20 -20.79
N LYS B 76 -6.61 -17.15 -20.12
CA LYS B 76 -5.57 -17.22 -19.10
C LYS B 76 -4.35 -17.99 -19.63
N ASN B 77 -3.76 -17.45 -20.68
CA ASN B 77 -2.66 -18.10 -21.38
C ASN B 77 -1.31 -17.55 -20.93
N THR B 78 -0.38 -18.45 -20.69
CA THR B 78 1.03 -18.12 -20.46
C THR B 78 1.87 -18.92 -21.44
N ALA B 79 2.70 -18.24 -22.22
CA ALA B 79 3.38 -18.88 -23.34
C ALA B 79 4.85 -18.50 -23.36
N TYR B 80 5.71 -19.50 -23.52
CA TYR B 80 7.14 -19.32 -23.77
C TYR B 80 7.42 -19.62 -25.24
N LEU B 81 8.54 -19.10 -25.74
CA LEU B 81 8.89 -19.27 -27.15
C LEU B 81 10.41 -19.31 -27.27
N GLN B 82 10.97 -20.51 -27.38
CA GLN B 82 12.41 -20.70 -27.49
C GLN B 82 12.85 -20.67 -28.95
N MET B 83 14.05 -20.13 -29.17
CA MET B 83 14.65 -20.05 -30.50
C MET B 83 15.71 -21.12 -30.74
N ASN B 84 15.70 -22.19 -29.96
CA ASN B 84 16.66 -23.27 -30.14
C ASN B 84 16.22 -24.53 -29.40
N GLU B 87 17.74 -24.75 -25.33
CA GLU B 87 19.06 -25.19 -24.89
C GLU B 87 19.25 -26.68 -25.06
N ASP B 88 18.99 -27.43 -23.99
CA ASP B 88 19.18 -28.87 -23.96
C ASP B 88 17.91 -29.55 -23.46
N THR B 89 17.95 -30.87 -23.43
CA THR B 89 16.84 -31.66 -22.92
C THR B 89 16.66 -31.42 -21.43
N ALA B 90 15.41 -31.22 -21.02
CA ALA B 90 15.07 -30.96 -19.61
C ALA B 90 13.56 -31.13 -19.46
N VAL B 91 13.07 -30.84 -18.26
CA VAL B 91 11.64 -30.87 -17.95
C VAL B 91 11.27 -29.51 -17.37
N TYR B 92 10.25 -28.87 -17.94
CA TYR B 92 9.91 -27.49 -17.63
C TYR B 92 8.65 -27.42 -16.79
N TYR B 93 8.64 -26.50 -15.83
CA TYR B 93 7.52 -26.29 -14.93
C TYR B 93 7.07 -24.84 -14.99
N CYS B 94 5.81 -24.60 -14.66
CA CYS B 94 5.27 -23.25 -14.54
C CYS B 94 4.65 -23.09 -13.15
N ALA B 95 5.00 -22.00 -12.47
CA ALA B 95 4.57 -21.76 -11.11
C ALA B 95 4.07 -20.34 -10.96
N ARG B 96 3.51 -20.05 -9.79
CA ARG B 96 2.91 -18.74 -9.49
C ARG B 96 3.54 -18.16 -8.23
N SER B 97 3.72 -16.84 -8.23
CA SER B 97 4.32 -16.16 -7.09
C SER B 97 3.72 -14.77 -6.95
N GLN B 98 4.10 -14.09 -5.87
CA GLN B 98 3.61 -12.75 -5.56
C GLN B 98 4.79 -11.87 -5.17
N ALA B 99 4.68 -10.58 -5.48
CA ALA B 99 5.78 -9.63 -5.33
C ALA B 99 5.56 -8.73 -4.11
N VAL B 100 6.66 -8.26 -3.53
CA VAL B 100 6.64 -7.34 -2.39
C VAL B 100 7.55 -6.16 -2.74
N TYR B 101 7.10 -4.95 -2.43
CA TYR B 101 7.83 -3.74 -2.76
C TYR B 101 8.30 -3.01 -1.52
N TYR B 102 9.44 -2.34 -1.63
CA TYR B 102 9.97 -1.51 -0.55
C TYR B 102 10.65 -0.30 -1.16
N TRP B 103 10.75 0.78 -0.36
CA TRP B 103 11.28 2.05 -0.83
C TRP B 103 12.33 2.55 0.17
N ASP B 104 13.60 2.48 -0.22
CA ASP B 104 14.71 3.08 0.55
C ASP B 104 15.47 4.00 -0.42
N LEU B 105 14.97 5.23 -0.57
CA LEU B 105 15.54 6.23 -1.47
C LEU B 105 15.44 5.79 -2.93
N TRP B 106 14.87 4.61 -3.17
CA TRP B 106 14.64 4.02 -4.48
C TRP B 106 13.83 2.75 -4.28
N TRP B 107 13.11 2.35 -5.32
CA TRP B 107 12.16 1.24 -5.23
C TRP B 107 12.87 -0.07 -5.51
N SER B 108 12.87 -0.97 -4.53
CA SER B 108 13.40 -2.31 -4.67
C SER B 108 12.33 -3.34 -4.34
N MET B 109 12.42 -4.51 -4.97
CA MET B 109 11.41 -5.52 -4.82
C MET B 109 12.03 -6.91 -4.81
N TYR B 110 11.30 -7.86 -4.25
CA TYR B 110 11.65 -9.27 -4.33
C TYR B 110 10.36 -10.07 -4.42
N HIS B 111 10.46 -11.39 -4.32
CA HIS B 111 9.33 -12.28 -4.45
C HIS B 111 9.08 -13.03 -3.16
N THR B 112 7.81 -13.34 -2.89
CA THR B 112 7.43 -14.04 -1.68
C THR B 112 7.82 -15.51 -1.70
N GLY B 113 7.87 -16.13 -2.88
CA GLY B 113 8.14 -17.55 -2.98
C GLY B 113 7.04 -18.26 -3.75
N PHE B 114 7.41 -19.18 -4.63
CA PHE B 114 6.43 -19.84 -5.48
C PHE B 114 5.45 -20.65 -4.62
N ILE B 115 4.17 -20.34 -4.76
CA ILE B 115 3.10 -20.98 -4.01
C ILE B 115 3.06 -22.46 -4.40
N ASP B 116 2.46 -23.30 -3.55
CA ASP B 116 2.37 -24.73 -3.82
C ASP B 116 1.61 -25.06 -5.09
N TYR B 117 1.07 -24.06 -5.79
CA TYR B 117 0.41 -24.28 -7.07
C TYR B 117 1.44 -24.37 -8.20
N TRP B 118 2.13 -25.50 -8.22
CA TRP B 118 3.01 -25.86 -9.31
C TRP B 118 2.21 -26.63 -10.36
N GLY B 119 2.89 -26.98 -11.45
CA GLY B 119 2.27 -27.79 -12.48
C GLY B 119 3.19 -28.92 -12.88
N GLN B 120 2.61 -29.93 -13.54
CA GLN B 120 3.40 -31.04 -14.02
C GLN B 120 4.27 -30.59 -15.20
N GLY B 121 5.32 -31.36 -15.45
CA GLY B 121 6.30 -30.95 -16.43
C GLY B 121 6.06 -31.47 -17.83
N THR B 122 6.91 -31.06 -18.76
CA THR B 122 6.88 -31.52 -20.13
C THR B 122 8.10 -32.38 -20.41
N LEU B 123 8.18 -32.94 -21.62
CA LEU B 123 9.22 -33.86 -22.00
C LEU B 123 9.88 -33.43 -23.30
N VAL B 124 10.27 -32.15 -23.36
CA VAL B 124 10.98 -31.65 -24.52
C VAL B 124 12.34 -32.35 -24.64
N THR B 125 12.82 -32.50 -25.87
CA THR B 125 14.07 -33.22 -26.10
C THR B 125 14.64 -32.76 -27.44
N VAL B 126 15.84 -32.18 -27.40
CA VAL B 126 16.49 -31.71 -28.61
C VAL B 126 16.95 -32.90 -29.46
N ASP C 1 25.89 -12.09 -9.93
CA ASP C 1 25.07 -13.22 -9.50
C ASP C 1 25.46 -13.67 -8.09
N ILE C 2 24.47 -14.12 -7.33
CA ILE C 2 24.67 -14.54 -5.95
C ILE C 2 24.66 -16.06 -5.93
N GLN C 3 25.81 -16.65 -5.61
CA GLN C 3 25.94 -18.11 -5.61
C GLN C 3 25.32 -18.70 -4.34
N MET C 4 25.15 -20.02 -4.35
CA MET C 4 24.67 -20.77 -3.19
C MET C 4 25.53 -22.00 -2.99
N THR C 5 25.60 -22.46 -1.75
CA THR C 5 26.35 -23.64 -1.37
C THR C 5 25.61 -24.37 -0.26
N GLN C 6 25.58 -25.70 -0.34
CA GLN C 6 24.90 -26.51 0.66
C GLN C 6 25.87 -27.61 1.12
N SER C 7 25.38 -28.52 1.95
CA SER C 7 26.19 -29.63 2.45
C SER C 7 25.40 -30.93 2.28
N PRO C 8 25.38 -31.48 1.07
CA PRO C 8 24.59 -32.71 0.85
C PRO C 8 25.21 -33.93 1.51
N SER C 9 25.10 -34.00 2.84
CA SER C 9 25.65 -35.11 3.61
C SER C 9 24.64 -35.75 4.55
N SER C 10 23.38 -35.36 4.47
CA SER C 10 22.36 -35.95 5.33
C SER C 10 22.11 -37.41 4.94
N LEU C 11 22.06 -38.29 5.94
CA LEU C 11 21.98 -39.72 5.69
C LEU C 11 21.25 -40.39 6.84
N SER C 12 20.94 -41.68 6.63
CA SER C 12 20.50 -42.65 7.63
C SER C 12 19.06 -42.46 8.10
N ALA C 13 18.45 -41.32 7.75
CA ALA C 13 16.99 -41.11 7.81
C ALA C 13 16.33 -41.81 9.01
N SER C 14 16.97 -41.75 10.17
CA SER C 14 16.43 -42.45 11.33
C SER C 14 15.19 -41.72 11.84
N VAL C 15 14.18 -42.51 12.23
CA VAL C 15 12.89 -41.93 12.61
C VAL C 15 13.05 -41.11 13.88
N GLY C 16 12.58 -39.86 13.83
CA GLY C 16 12.67 -38.96 14.95
C GLY C 16 13.94 -38.13 15.03
N ASP C 17 14.90 -38.38 14.14
CA ASP C 17 16.17 -37.66 14.20
C ASP C 17 15.98 -36.23 13.74
N ARG C 18 16.78 -35.33 14.33
CA ARG C 18 16.80 -33.94 13.91
C ARG C 18 17.52 -33.82 12.57
N VAL C 19 17.22 -32.74 11.85
CA VAL C 19 17.80 -32.47 10.54
C VAL C 19 18.27 -31.02 10.50
N THR C 20 19.45 -30.79 9.93
CA THR C 20 20.00 -29.45 9.77
C THR C 20 20.64 -29.33 8.40
N ILE C 21 20.20 -28.34 7.62
CA ILE C 21 20.73 -28.07 6.29
C ILE C 21 21.08 -26.60 6.20
N THR C 22 22.27 -26.29 5.66
CA THR C 22 22.78 -24.94 5.61
C THR C 22 22.92 -24.48 4.16
N CYS C 23 22.41 -23.29 3.86
CA CYS C 23 22.54 -22.65 2.55
C CYS C 23 23.42 -21.42 2.74
N ARG C 24 24.70 -21.54 2.36
CA ARG C 24 25.68 -20.48 2.55
C ARG C 24 25.69 -19.61 1.31
N ALA C 25 25.21 -18.37 1.45
CA ALA C 25 25.09 -17.45 0.33
C ALA C 25 26.25 -16.46 0.33
N SER C 26 26.26 -15.59 -0.68
CA SER C 26 27.23 -14.51 -0.79
C SER C 26 26.47 -13.19 -0.94
N GLN C 27 27.23 -12.09 -1.04
CA GLN C 27 26.67 -10.75 -1.11
C GLN C 27 25.64 -10.52 0.01
N SER C 28 24.45 -10.06 -0.36
CA SER C 28 23.38 -9.82 0.63
C SER C 28 22.05 -10.06 -0.07
N VAL C 29 21.42 -11.20 0.24
CA VAL C 29 20.13 -11.55 -0.32
C VAL C 29 19.01 -11.01 0.58
N SER C 30 19.42 -10.34 1.66
CA SER C 30 18.49 -9.80 2.67
C SER C 30 17.70 -10.97 3.23
N SER C 31 16.38 -10.89 3.35
CA SER C 31 15.56 -11.97 3.89
C SER C 31 14.66 -12.60 2.83
N ALA C 32 15.08 -12.55 1.57
CA ALA C 32 14.30 -13.12 0.48
C ALA C 32 14.86 -14.50 0.13
N VAL C 33 14.50 -15.48 0.95
CA VAL C 33 14.95 -16.86 0.79
C VAL C 33 13.77 -17.80 1.02
N ALA C 34 13.66 -18.81 0.17
CA ALA C 34 12.60 -19.81 0.27
C ALA C 34 13.19 -21.19 0.09
N TRP C 35 12.48 -22.20 0.60
CA TRP C 35 12.91 -23.58 0.53
C TRP C 35 11.78 -24.46 -0.01
N TYR C 36 12.16 -25.52 -0.71
CA TYR C 36 11.19 -26.39 -1.37
C TYR C 36 11.57 -27.85 -1.13
N GLN C 37 10.58 -28.72 -1.29
CA GLN C 37 10.74 -30.17 -1.16
C GLN C 37 10.18 -30.85 -2.40
N GLN C 38 10.95 -31.76 -2.98
CA GLN C 38 10.54 -32.47 -4.17
C GLN C 38 10.82 -33.96 -4.04
N LYS C 39 9.80 -34.78 -4.31
CA LYS C 39 9.89 -36.22 -4.40
C LYS C 39 10.10 -36.65 -5.85
N PRO C 40 10.74 -37.80 -6.07
CA PRO C 40 11.02 -38.22 -7.45
C PRO C 40 9.74 -38.37 -8.27
N GLY C 41 9.80 -37.90 -9.52
CA GLY C 41 8.68 -38.00 -10.42
C GLY C 41 7.56 -37.02 -10.18
N LYS C 42 7.72 -36.07 -9.27
CA LYS C 42 6.68 -35.12 -8.94
C LYS C 42 7.25 -33.71 -8.84
N ALA C 43 6.38 -32.72 -9.01
CA ALA C 43 6.78 -31.34 -8.91
C ALA C 43 7.10 -30.98 -7.45
N PRO C 44 7.94 -29.96 -7.23
CA PRO C 44 8.25 -29.56 -5.85
C PRO C 44 7.07 -28.90 -5.15
N LYS C 45 7.28 -28.49 -3.91
CA LYS C 45 6.23 -27.84 -3.13
C LYS C 45 6.88 -26.92 -2.10
N LEU C 46 6.29 -25.74 -1.92
CA LEU C 46 6.86 -24.75 -1.02
C LEU C 46 6.74 -25.20 0.43
N LEU C 47 7.81 -24.99 1.20
CA LEU C 47 7.85 -25.34 2.62
C LEU C 47 7.95 -24.10 3.50
N ILE C 48 8.96 -23.25 3.28
CA ILE C 48 9.18 -22.06 4.08
C ILE C 48 9.49 -20.90 3.14
N TYR C 49 8.84 -19.76 3.38
CA TYR C 49 9.03 -18.57 2.57
C TYR C 49 9.40 -17.41 3.47
N SER C 50 9.86 -16.32 2.84
CA SER C 50 10.33 -15.11 3.50
C SER C 50 11.52 -15.35 4.42
N ALA C 51 12.10 -16.56 4.37
CA ALA C 51 13.28 -16.96 5.13
C ALA C 51 12.99 -17.12 6.62
N SER C 52 11.80 -16.70 7.05
CA SER C 52 11.40 -16.97 8.43
C SER C 52 9.91 -17.29 8.57
N SER C 53 9.14 -17.35 7.49
CA SER C 53 7.69 -17.51 7.56
C SER C 53 7.32 -18.91 7.11
N LEU C 54 6.84 -19.72 8.04
CA LEU C 54 6.40 -21.07 7.71
C LEU C 54 5.09 -21.00 6.92
N TYR C 55 4.86 -22.02 6.09
CA TYR C 55 3.72 -22.02 5.18
C TYR C 55 2.45 -22.42 5.93
N SER C 56 1.38 -22.69 5.19
CA SER C 56 0.09 -23.06 5.77
C SER C 56 -0.29 -24.45 5.26
N GLY C 57 0.01 -25.47 6.07
CA GLY C 57 -0.37 -26.83 5.71
C GLY C 57 0.78 -27.81 5.69
N VAL C 58 1.88 -27.49 6.37
CA VAL C 58 3.02 -28.39 6.44
C VAL C 58 3.21 -28.86 7.88
N PRO C 59 2.74 -30.07 8.22
CA PRO C 59 2.82 -30.54 9.60
C PRO C 59 4.12 -31.24 9.95
N SER C 60 4.78 -31.84 8.96
CA SER C 60 5.94 -32.68 9.19
C SER C 60 7.26 -31.92 9.08
N ARG C 61 7.21 -30.65 8.69
CA ARG C 61 8.44 -29.84 8.50
C ARG C 61 8.27 -28.49 9.23
N PHE C 62 7.87 -28.53 10.50
CA PHE C 62 7.68 -27.32 11.29
C PHE C 62 9.05 -26.83 11.76
N SER C 63 9.55 -25.77 11.13
CA SER C 63 10.86 -25.25 11.46
C SER C 63 10.90 -23.76 11.15
N GLY C 64 12.09 -23.19 11.13
CA GLY C 64 12.29 -21.79 10.77
C GLY C 64 13.61 -21.60 10.10
N SER C 65 14.33 -20.55 10.47
CA SER C 65 15.67 -20.27 9.95
C SER C 65 16.28 -19.17 10.83
N ARG C 66 17.46 -18.70 10.41
CA ARG C 66 18.20 -17.69 11.17
C ARG C 66 18.20 -16.31 10.52
N SER C 67 18.23 -16.25 9.19
CA SER C 67 18.26 -15.02 8.40
C SER C 67 19.55 -14.23 8.57
N GLY C 68 20.54 -14.76 9.27
CA GLY C 68 21.81 -14.08 9.46
C GLY C 68 22.84 -14.48 8.43
N THR C 69 22.50 -14.32 7.14
CA THR C 69 23.32 -14.69 6.00
C THR C 69 23.60 -16.19 5.94
N ASP C 70 23.00 -16.97 6.86
CA ASP C 70 23.12 -18.42 6.84
C ASP C 70 21.79 -18.98 7.33
N PHE C 71 21.27 -19.98 6.63
CA PHE C 71 19.91 -20.46 6.84
C PHE C 71 19.92 -21.94 7.19
N THR C 72 19.08 -22.30 8.15
CA THR C 72 18.96 -23.69 8.61
C THR C 72 17.50 -24.05 8.75
N LEU C 73 17.22 -25.35 8.63
CA LEU C 73 15.88 -25.90 8.83
C LEU C 73 15.93 -26.95 9.92
N THR C 74 15.08 -26.82 10.92
CA THR C 74 15.05 -27.74 12.06
C THR C 74 13.87 -28.69 11.91
N ILE C 75 14.09 -29.75 11.12
CA ILE C 75 13.10 -30.82 11.00
C ILE C 75 13.21 -31.70 12.23
N SER C 76 12.34 -31.45 13.21
CA SER C 76 12.46 -32.12 14.51
C SER C 76 12.25 -33.62 14.40
N SER C 77 11.25 -34.04 13.63
CA SER C 77 10.90 -35.45 13.55
C SER C 77 10.88 -35.88 12.08
N LEU C 78 11.09 -37.18 11.87
CA LEU C 78 11.15 -37.75 10.54
C LEU C 78 10.20 -38.95 10.48
N GLN C 79 8.98 -38.75 10.95
CA GLN C 79 8.01 -39.85 11.01
C GLN C 79 7.63 -40.39 9.63
N PRO C 80 7.21 -39.58 8.65
CA PRO C 80 6.84 -40.12 7.34
C PRO C 80 8.01 -40.41 6.42
N GLU C 81 9.23 -40.45 6.96
CA GLU C 81 10.46 -40.81 6.28
C GLU C 81 10.94 -39.72 5.34
N ASP C 82 10.08 -38.71 5.09
CA ASP C 82 10.45 -37.44 4.47
C ASP C 82 11.49 -37.59 3.36
N PHE C 83 11.34 -38.64 2.56
CA PHE C 83 12.32 -38.95 1.52
C PHE C 83 12.10 -38.00 0.34
N ALA C 84 13.00 -37.03 0.19
CA ALA C 84 12.86 -36.02 -0.85
C ALA C 84 14.16 -35.24 -0.96
N THR C 85 14.19 -34.30 -1.89
CA THR C 85 15.32 -33.43 -2.12
C THR C 85 14.92 -31.98 -1.85
N TYR C 86 15.72 -31.29 -1.05
CA TYR C 86 15.39 -29.95 -0.59
C TYR C 86 16.31 -28.93 -1.24
N TYR C 87 15.76 -27.74 -1.53
CA TYR C 87 16.48 -26.70 -2.25
C TYR C 87 16.31 -25.36 -1.55
N CYS C 88 17.23 -24.44 -1.79
CA CYS C 88 17.16 -23.06 -1.33
C CYS C 88 17.37 -22.12 -2.51
N GLN C 89 16.73 -20.96 -2.46
CA GLN C 89 16.87 -19.97 -3.52
C GLN C 89 16.96 -18.57 -2.92
N GLN C 90 17.16 -17.59 -3.80
CA GLN C 90 17.06 -16.17 -3.48
C GLN C 90 16.39 -15.47 -4.65
N SER C 91 15.64 -14.41 -4.35
CA SER C 91 14.90 -13.67 -5.36
C SER C 91 15.05 -12.17 -5.15
N SER C 92 16.29 -11.74 -4.92
CA SER C 92 16.60 -10.34 -4.64
C SER C 92 17.36 -9.65 -5.77
N SER C 93 18.30 -10.32 -6.40
CA SER C 93 19.15 -9.72 -7.42
C SER C 93 18.50 -9.72 -8.80
N SER C 94 17.17 -9.83 -8.88
CA SER C 94 16.42 -9.90 -10.13
C SER C 94 16.72 -11.17 -10.89
N LEU C 95 17.59 -12.02 -10.33
CA LEU C 95 17.87 -13.34 -10.85
C LEU C 95 17.70 -14.35 -9.72
N ILE C 96 17.29 -15.56 -10.07
CA ILE C 96 16.98 -16.60 -9.11
C ILE C 96 17.98 -17.74 -9.27
N THR C 97 18.58 -18.17 -8.17
CA THR C 97 19.57 -19.23 -8.16
C THR C 97 19.12 -20.32 -7.19
N PHE C 98 19.44 -21.56 -7.52
CA PHE C 98 19.01 -22.72 -6.75
C PHE C 98 20.23 -23.45 -6.18
N GLY C 99 19.99 -24.61 -5.57
CA GLY C 99 21.05 -25.40 -4.98
C GLY C 99 20.85 -26.90 -5.15
N GLN C 100 21.32 -27.67 -4.16
CA GLN C 100 21.26 -29.13 -4.21
C GLN C 100 20.83 -29.61 -2.83
N GLY C 101 21.03 -30.90 -2.56
CA GLY C 101 20.86 -31.43 -1.22
C GLY C 101 19.77 -32.47 -1.07
N THR C 102 20.16 -33.73 -0.93
CA THR C 102 19.25 -34.86 -0.80
C THR C 102 19.37 -35.48 0.58
N LYS C 103 18.54 -36.49 0.84
CA LYS C 103 18.58 -37.26 2.07
C LYS C 103 18.41 -38.74 1.73
N VAL C 104 19.20 -39.58 2.39
CA VAL C 104 19.22 -41.02 2.12
C VAL C 104 18.97 -41.75 3.45
N GLU C 105 18.47 -42.98 3.34
CA GLU C 105 18.14 -43.78 4.50
C GLU C 105 19.32 -44.67 4.91
N ILE C 106 19.16 -45.36 6.03
CA ILE C 106 20.22 -46.24 6.54
C ILE C 106 20.40 -47.43 5.61
N LYS C 107 21.59 -48.03 5.67
CA LYS C 107 21.92 -49.21 4.89
C LYS C 107 21.37 -50.47 5.55
#